data_9IK0
#
_entry.id   9IK0
#
_cell.length_a   57.695
_cell.length_b   57.695
_cell.length_c   116.465
_cell.angle_alpha   90.000
_cell.angle_beta   90.000
_cell.angle_gamma   90.000
#
_symmetry.space_group_name_H-M   'P 43'
#
loop_
_entity.id
_entity.type
_entity.pdbx_description
1 polymer 'Transcription antitermination protein RfaH'
2 non-polymer GLYCEROL
3 non-polymer 'MAGNESIUM ION'
4 water water
#
_entity_poly.entity_id   1
_entity_poly.type   'polypeptide(L)'
_entity_poly.pdbx_seq_one_letter_code
;GPMEWYVLQFTTTRFAAVFAHLERLNFSYFCPMETERYRRPDKIISYRERRLPLFPGYLFIQADFEEVHSTTITAIPYVQ
RFISFGGEPLPVPEDVMAELLYRQSHTTAQANLLRKSIPHDFAEILLMDNPQQRSMAFIHYITERSLTHKMKRKKND
;
_entity_poly.pdbx_strand_id   A,B
#
loop_
_chem_comp.id
_chem_comp.type
_chem_comp.name
_chem_comp.formula
GOL non-polymer GLYCEROL 'C3 H8 O3'
MG non-polymer 'MAGNESIUM ION' 'Mg 2'
#
# COMPACT_ATOMS: atom_id res chain seq x y z
N GLY A 1 -25.42 -25.66 9.56
CA GLY A 1 -25.52 -24.66 10.61
C GLY A 1 -24.82 -23.37 10.26
N PRO A 2 -23.52 -23.29 10.57
CA PRO A 2 -22.76 -22.10 10.19
C PRO A 2 -22.62 -21.99 8.68
N MET A 3 -22.59 -20.75 8.21
CA MET A 3 -22.50 -20.47 6.78
C MET A 3 -21.09 -20.05 6.40
N GLU A 4 -20.62 -20.55 5.26
CA GLU A 4 -19.31 -20.22 4.73
C GLU A 4 -19.45 -19.58 3.36
N TRP A 5 -18.38 -18.93 2.92
CA TRP A 5 -18.30 -18.36 1.58
C TRP A 5 -17.54 -19.30 0.66
N TYR A 6 -18.07 -19.49 -0.54
CA TYR A 6 -17.47 -20.37 -1.53
C TYR A 6 -17.28 -19.61 -2.84
N VAL A 7 -16.38 -20.11 -3.66
CA VAL A 7 -16.11 -19.56 -4.99
C VAL A 7 -16.85 -20.40 -6.01
N LEU A 8 -17.74 -19.77 -6.77
CA LEU A 8 -18.52 -20.45 -7.79
C LEU A 8 -18.03 -20.00 -9.16
N GLN A 9 -17.61 -20.97 -9.98
CA GLN A 9 -17.16 -20.67 -11.33
C GLN A 9 -18.35 -20.74 -12.29
N PHE A 10 -18.45 -19.77 -13.19
CA PHE A 10 -19.54 -19.68 -14.14
C PHE A 10 -19.01 -19.11 -15.45
N THR A 11 -19.83 -19.22 -16.50
CA THR A 11 -19.46 -18.67 -17.80
C THR A 11 -19.52 -17.15 -17.75
N THR A 12 -18.37 -16.50 -17.98
CA THR A 12 -18.21 -15.08 -17.68
C THR A 12 -19.27 -14.21 -18.35
N THR A 13 -19.46 -14.39 -19.66
CA THR A 13 -20.36 -13.52 -20.41
C THR A 13 -21.83 -13.69 -20.02
N ARG A 14 -22.18 -14.74 -19.26
CA ARG A 14 -23.56 -15.01 -18.89
C ARG A 14 -23.87 -14.59 -17.45
N PHE A 15 -23.16 -13.59 -16.92
CA PHE A 15 -23.30 -13.26 -15.50
C PHE A 15 -24.73 -12.84 -15.17
N ALA A 16 -25.41 -12.14 -16.08
CA ALA A 16 -26.73 -11.61 -15.78
C ALA A 16 -27.75 -12.72 -15.55
N ALA A 17 -27.73 -13.75 -16.40
CA ALA A 17 -28.64 -14.88 -16.21
C ALA A 17 -28.30 -15.65 -14.95
N VAL A 18 -27.00 -15.80 -14.66
CA VAL A 18 -26.58 -16.55 -13.47
C VAL A 18 -26.96 -15.78 -12.20
N PHE A 19 -26.65 -14.48 -12.17
CA PHE A 19 -26.94 -13.68 -10.98
C PHE A 19 -28.45 -13.61 -10.73
N ALA A 20 -29.24 -13.54 -11.80
CA ALA A 20 -30.69 -13.49 -11.64
C ALA A 20 -31.21 -14.75 -10.97
N HIS A 21 -30.71 -15.91 -11.39
CA HIS A 21 -31.10 -17.18 -10.76
C HIS A 21 -30.71 -17.19 -9.29
N LEU A 22 -29.49 -16.76 -8.97
CA LEU A 22 -29.04 -16.77 -7.58
C LEU A 22 -29.86 -15.81 -6.72
N GLU A 23 -30.21 -14.65 -7.28
CA GLU A 23 -31.08 -13.72 -6.54
C GLU A 23 -32.47 -14.29 -6.36
N ARG A 24 -32.97 -15.04 -7.36
CA ARG A 24 -34.27 -15.68 -7.22
C ARG A 24 -34.28 -16.68 -6.08
N LEU A 25 -33.20 -17.44 -5.94
CA LEU A 25 -33.06 -18.41 -4.87
C LEU A 25 -32.70 -17.77 -3.53
N ASN A 26 -32.60 -16.44 -3.48
CA ASN A 26 -32.36 -15.70 -2.25
C ASN A 26 -31.04 -16.10 -1.59
N PHE A 27 -30.00 -16.20 -2.41
CA PHE A 27 -28.64 -16.40 -1.91
C PHE A 27 -27.94 -15.07 -1.72
N SER A 28 -27.08 -15.01 -0.72
CA SER A 28 -26.14 -13.90 -0.59
C SER A 28 -24.93 -14.18 -1.46
N TYR A 29 -24.63 -13.26 -2.38
CA TYR A 29 -23.50 -13.44 -3.28
C TYR A 29 -23.01 -12.08 -3.74
N PHE A 30 -21.81 -12.06 -4.30
CA PHE A 30 -21.31 -10.87 -4.95
C PHE A 30 -20.22 -11.26 -5.93
N CYS A 31 -20.20 -10.59 -7.07
CA CYS A 31 -19.09 -10.67 -8.01
C CYS A 31 -18.27 -9.39 -7.86
N PRO A 32 -17.13 -9.42 -7.19
CA PRO A 32 -16.38 -8.19 -6.94
C PRO A 32 -15.80 -7.62 -8.22
N MET A 33 -15.66 -6.30 -8.24
CA MET A 33 -15.04 -5.61 -9.36
C MET A 33 -13.54 -5.51 -9.15
N GLU A 34 -12.81 -5.43 -10.27
CA GLU A 34 -11.38 -5.19 -10.22
C GLU A 34 -11.10 -3.92 -9.41
N THR A 35 -10.07 -3.96 -8.57
CA THR A 35 -9.78 -2.82 -7.73
C THR A 35 -9.19 -1.69 -8.57
N GLU A 36 -8.97 -0.54 -7.92
CA GLU A 36 -8.46 0.64 -8.61
C GLU A 36 -6.95 0.78 -8.47
N ARG A 37 -6.26 -0.29 -8.08
CA ARG A 37 -4.81 -0.30 -8.01
C ARG A 37 -4.27 -1.53 -8.73
N TYR A 38 -3.11 -1.37 -9.35
CA TYR A 38 -2.45 -2.49 -10.01
C TYR A 38 -0.97 -2.20 -10.09
N ARG A 39 -0.17 -3.27 -10.13
CA ARG A 39 1.28 -3.14 -10.21
C ARG A 39 1.70 -3.23 -11.67
N ARG A 40 2.36 -2.18 -12.16
CA ARG A 40 2.79 -2.12 -13.54
C ARG A 40 3.94 -3.09 -13.78
N PRO A 41 4.29 -3.34 -15.05
CA PRO A 41 5.49 -4.15 -15.32
C PRO A 41 6.76 -3.59 -14.71
N ASP A 42 6.85 -2.26 -14.55
CA ASP A 42 8.03 -1.68 -13.90
C ASP A 42 7.93 -1.69 -12.38
N LYS A 43 6.90 -2.33 -11.84
CA LYS A 43 6.67 -2.64 -10.42
C LYS A 43 6.06 -1.47 -9.63
N ILE A 44 5.79 -0.34 -10.26
CA ILE A 44 5.17 0.78 -9.56
C ILE A 44 3.66 0.52 -9.47
N ILE A 45 3.07 0.87 -8.32
CA ILE A 45 1.64 0.70 -8.10
C ILE A 45 0.92 1.93 -8.67
N SER A 46 -0.01 1.69 -9.58
CA SER A 46 -0.69 2.76 -10.30
C SER A 46 -2.20 2.65 -10.14
N TYR A 47 -2.88 3.71 -10.54
CA TYR A 47 -4.34 3.81 -10.45
C TYR A 47 -4.97 3.52 -11.81
N ARG A 48 -6.15 2.92 -11.77
CA ARG A 48 -6.99 2.74 -12.95
C ARG A 48 -8.41 2.42 -12.48
N GLU A 49 -9.33 2.38 -13.43
CA GLU A 49 -10.71 1.96 -13.14
C GLU A 49 -11.31 1.47 -14.45
N ARG A 50 -11.51 0.16 -14.56
CA ARG A 50 -11.91 -0.44 -15.82
C ARG A 50 -13.27 -1.12 -15.79
N ARG A 51 -13.93 -1.19 -14.63
CA ARG A 51 -15.26 -1.78 -14.49
C ARG A 51 -15.29 -3.19 -15.06
N LEU A 52 -14.34 -4.00 -14.60
CA LEU A 52 -14.15 -5.38 -14.96
C LEU A 52 -14.32 -6.26 -13.71
N PRO A 53 -14.62 -7.54 -13.89
CA PRO A 53 -14.61 -8.45 -12.74
C PRO A 53 -13.22 -8.53 -12.12
N LEU A 54 -13.17 -8.63 -10.79
CA LEU A 54 -11.90 -8.89 -10.12
C LEU A 54 -11.33 -10.24 -10.55
N PHE A 55 -12.18 -11.28 -10.54
CA PHE A 55 -11.81 -12.61 -11.01
C PHE A 55 -12.86 -13.03 -12.04
N PRO A 56 -12.61 -12.77 -13.34
CA PRO A 56 -13.63 -13.04 -14.36
C PRO A 56 -14.04 -14.51 -14.36
N GLY A 57 -15.35 -14.75 -14.32
CA GLY A 57 -15.90 -16.08 -14.30
C GLY A 57 -16.08 -16.68 -12.92
N TYR A 58 -15.84 -15.91 -11.86
CA TYR A 58 -15.96 -16.41 -10.50
C TYR A 58 -16.79 -15.44 -9.67
N LEU A 59 -17.61 -15.98 -8.78
CA LEU A 59 -18.36 -15.19 -7.82
C LEU A 59 -18.24 -15.84 -6.45
N PHE A 60 -18.53 -15.05 -5.42
CA PHE A 60 -18.49 -15.52 -4.04
C PHE A 60 -19.92 -15.65 -3.54
N ILE A 61 -20.23 -16.82 -2.97
CA ILE A 61 -21.59 -17.14 -2.56
C ILE A 61 -21.54 -17.72 -1.15
N GLN A 62 -22.46 -17.28 -0.31
CA GLN A 62 -22.57 -17.75 1.08
C GLN A 62 -23.65 -18.81 1.16
N ALA A 63 -23.31 -19.97 1.73
CA ALA A 63 -24.24 -21.09 1.77
C ALA A 63 -23.89 -22.00 2.94
N ASP A 64 -24.88 -22.81 3.33
CA ASP A 64 -24.69 -23.82 4.36
C ASP A 64 -24.21 -25.13 3.72
N PHE A 65 -24.07 -26.17 4.54
CA PHE A 65 -23.46 -27.40 4.06
C PHE A 65 -24.36 -28.14 3.08
N GLU A 66 -25.67 -28.14 3.34
CA GLU A 66 -26.59 -28.86 2.45
C GLU A 66 -26.78 -28.15 1.12
N GLU A 67 -26.55 -26.83 1.06
CA GLU A 67 -26.74 -26.11 -0.18
C GLU A 67 -25.58 -26.34 -1.15
N VAL A 68 -24.35 -26.37 -0.65
CA VAL A 68 -23.20 -26.55 -1.53
C VAL A 68 -23.03 -28.01 -1.95
N HIS A 69 -23.48 -28.95 -1.12
CA HIS A 69 -23.39 -30.36 -1.47
C HIS A 69 -24.58 -30.85 -2.29
N SER A 70 -25.67 -30.10 -2.32
CA SER A 70 -26.76 -30.41 -3.23
C SER A 70 -26.47 -29.81 -4.60
N THR A 71 -27.20 -30.28 -5.61
CA THR A 71 -26.98 -29.88 -6.99
C THR A 71 -27.86 -28.71 -7.41
N THR A 72 -28.49 -28.01 -6.47
CA THR A 72 -29.38 -26.91 -6.84
C THR A 72 -28.60 -25.76 -7.47
N ILE A 73 -27.42 -25.45 -6.95
CA ILE A 73 -26.64 -24.33 -7.46
C ILE A 73 -25.94 -24.71 -8.76
N THR A 74 -25.31 -25.89 -8.79
CA THR A 74 -24.56 -26.28 -9.98
C THR A 74 -25.46 -26.62 -11.16
N ALA A 75 -26.76 -26.81 -10.93
CA ALA A 75 -27.70 -27.04 -12.04
C ALA A 75 -28.13 -25.76 -12.72
N ILE A 76 -27.87 -24.60 -12.12
CA ILE A 76 -28.18 -23.33 -12.77
C ILE A 76 -27.46 -23.26 -14.12
N PRO A 77 -28.13 -22.89 -15.20
CA PRO A 77 -27.46 -22.83 -16.50
C PRO A 77 -26.26 -21.90 -16.46
N TYR A 78 -25.18 -22.33 -17.12
CA TYR A 78 -23.91 -21.63 -17.25
C TYR A 78 -23.11 -21.60 -15.95
N VAL A 79 -23.56 -22.28 -14.91
CA VAL A 79 -22.76 -22.50 -13.71
C VAL A 79 -21.96 -23.78 -13.91
N GLN A 80 -20.65 -23.71 -13.64
CA GLN A 80 -19.75 -24.82 -13.94
C GLN A 80 -19.48 -25.67 -12.69
N ARG A 81 -18.95 -25.08 -11.63
CA ARG A 81 -18.59 -25.85 -10.44
C ARG A 81 -18.24 -24.90 -9.31
N PHE A 82 -18.21 -25.45 -8.10
CA PHE A 82 -17.53 -24.80 -7.00
C PHE A 82 -16.03 -25.09 -7.08
N ILE A 83 -15.23 -24.12 -6.64
CA ILE A 83 -13.81 -24.41 -6.44
C ILE A 83 -13.70 -25.45 -5.34
N SER A 84 -13.13 -26.60 -5.66
CA SER A 84 -13.22 -27.78 -4.81
C SER A 84 -11.88 -28.49 -4.75
N PHE A 85 -11.80 -29.42 -3.79
CA PHE A 85 -10.68 -30.35 -3.67
C PHE A 85 -11.27 -31.75 -3.51
N GLY A 86 -10.98 -32.64 -4.45
CA GLY A 86 -11.59 -33.95 -4.43
C GLY A 86 -13.10 -33.92 -4.48
N GLY A 87 -13.68 -32.91 -5.14
CA GLY A 87 -15.11 -32.77 -5.23
C GLY A 87 -15.74 -31.98 -4.08
N GLU A 88 -14.99 -31.67 -3.03
CA GLU A 88 -15.52 -30.99 -1.86
C GLU A 88 -15.29 -29.49 -1.99
N PRO A 89 -16.34 -28.66 -1.97
CA PRO A 89 -16.13 -27.21 -2.11
C PRO A 89 -15.23 -26.66 -1.02
N LEU A 90 -14.39 -25.69 -1.39
CA LEU A 90 -13.44 -25.11 -0.47
C LEU A 90 -13.97 -23.78 0.04
N PRO A 91 -14.23 -23.64 1.35
CA PRO A 91 -14.61 -22.33 1.89
C PRO A 91 -13.46 -21.34 1.77
N VAL A 92 -13.79 -20.09 1.48
CA VAL A 92 -12.77 -19.05 1.35
C VAL A 92 -12.22 -18.72 2.72
N PRO A 93 -10.91 -18.52 2.87
CA PRO A 93 -10.36 -18.13 4.18
C PRO A 93 -11.00 -16.86 4.70
N GLU A 94 -11.09 -16.76 6.03
CA GLU A 94 -11.83 -15.66 6.65
C GLU A 94 -11.12 -14.33 6.45
N ASP A 95 -9.79 -14.30 6.47
CA ASP A 95 -9.09 -13.04 6.26
C ASP A 95 -9.22 -12.57 4.82
N VAL A 96 -9.37 -13.50 3.87
CA VAL A 96 -9.62 -13.12 2.48
C VAL A 96 -11.01 -12.52 2.35
N MET A 97 -12.02 -13.19 2.91
CA MET A 97 -13.38 -12.65 2.86
C MET A 97 -13.49 -11.33 3.61
N ALA A 98 -12.72 -11.16 4.69
CA ALA A 98 -12.76 -9.90 5.43
C ALA A 98 -12.36 -8.73 4.54
N GLU A 99 -11.26 -8.90 3.79
CA GLU A 99 -10.81 -7.83 2.89
C GLU A 99 -11.81 -7.61 1.76
N LEU A 100 -12.33 -8.70 1.17
CA LEU A 100 -13.25 -8.57 0.06
C LEU A 100 -14.56 -7.92 0.49
N LEU A 101 -15.10 -8.33 1.64
CA LEU A 101 -16.36 -7.74 2.11
C LEU A 101 -16.16 -6.29 2.53
N TYR A 102 -15.00 -5.96 3.09
CA TYR A 102 -14.71 -4.55 3.40
C TYR A 102 -14.75 -3.70 2.14
N ARG A 103 -14.15 -4.18 1.05
CA ARG A 103 -14.17 -3.42 -0.20
C ARG A 103 -15.56 -3.34 -0.78
N GLN A 104 -16.42 -4.32 -0.52
CA GLN A 104 -17.81 -4.25 -0.99
C GLN A 104 -18.58 -3.17 -0.25
N SER A 105 -18.31 -2.97 1.04
CA SER A 105 -19.15 -2.14 1.89
C SER A 105 -18.59 -0.75 2.14
N HIS A 106 -17.39 -0.44 1.65
CA HIS A 106 -16.75 0.85 1.86
C HIS A 106 -16.47 1.51 0.53
N THR A 107 -16.05 2.78 0.61
CA THR A 107 -15.84 3.60 -0.58
C THR A 107 -14.54 3.22 -1.28
N THR A 108 -14.40 3.64 -2.54
CA THR A 108 -13.16 3.31 -3.25
C THR A 108 -11.95 3.96 -2.59
N ALA A 109 -12.12 5.14 -1.98
CA ALA A 109 -11.00 5.81 -1.36
C ALA A 109 -10.54 5.06 -0.12
N GLN A 110 -11.50 4.58 0.68
CA GLN A 110 -11.14 3.79 1.86
C GLN A 110 -10.58 2.43 1.47
N ALA A 111 -11.10 1.83 0.40
CA ALA A 111 -10.58 0.55 -0.07
C ALA A 111 -9.15 0.68 -0.58
N ASN A 112 -8.77 1.87 -1.05
CA ASN A 112 -7.43 2.12 -1.57
C ASN A 112 -6.43 2.48 -0.49
N LEU A 113 -6.89 2.76 0.74
CA LEU A 113 -5.96 3.08 1.82
C LEU A 113 -5.12 1.86 2.18
N LEU A 114 -3.89 2.12 2.61
CA LEU A 114 -3.04 1.07 3.15
C LEU A 114 -3.65 0.51 4.42
N ARG A 115 -4.18 -0.71 4.35
CA ARG A 115 -4.87 -1.33 5.47
C ARG A 115 -3.99 -2.42 6.07
N LYS A 116 -3.78 -2.35 7.38
CA LYS A 116 -3.16 -3.45 8.09
C LYS A 116 -4.08 -4.65 8.10
N SER A 117 -3.50 -5.84 8.31
CA SER A 117 -4.13 -7.15 8.45
C SER A 117 -4.45 -7.81 7.11
N ILE A 118 -4.20 -7.16 5.98
CA ILE A 118 -4.38 -7.85 4.70
C ILE A 118 -3.25 -8.84 4.49
N PRO A 119 -3.52 -10.12 4.24
CA PRO A 119 -2.43 -11.06 3.98
C PRO A 119 -1.64 -10.63 2.75
N HIS A 120 -0.31 -10.63 2.88
CA HIS A 120 0.55 -10.07 1.84
C HIS A 120 0.32 -10.74 0.50
N ASP A 121 0.19 -12.07 0.48
CA ASP A 121 0.02 -12.79 -0.78
C ASP A 121 -1.30 -12.42 -1.44
N PHE A 122 -2.36 -12.21 -0.64
CA PHE A 122 -3.64 -11.83 -1.22
C PHE A 122 -3.62 -10.38 -1.69
N ALA A 123 -2.92 -9.50 -0.97
CA ALA A 123 -2.79 -8.11 -1.41
C ALA A 123 -2.08 -8.03 -2.75
N GLU A 124 -1.05 -8.86 -2.94
CA GLU A 124 -0.31 -8.82 -4.20
C GLU A 124 -1.14 -9.38 -5.35
N ILE A 125 -2.02 -10.34 -5.06
CA ILE A 125 -2.94 -10.84 -6.09
C ILE A 125 -3.89 -9.75 -6.54
N LEU A 126 -4.43 -8.98 -5.59
CA LEU A 126 -5.34 -7.89 -5.95
C LEU A 126 -4.66 -6.85 -6.83
N LEU A 127 -3.34 -6.73 -6.77
CA LEU A 127 -2.59 -5.78 -7.58
C LEU A 127 -2.22 -6.33 -8.95
N MET A 128 -2.54 -7.59 -9.25
CA MET A 128 -2.13 -8.17 -10.51
C MET A 128 -2.81 -7.48 -11.69
N ASP A 129 -2.06 -7.30 -12.78
CA ASP A 129 -2.52 -6.54 -13.93
C ASP A 129 -3.57 -7.30 -14.72
N ASN A 130 -3.20 -8.46 -15.25
CA ASN A 130 -4.08 -9.20 -16.16
C ASN A 130 -5.19 -9.91 -15.38
N PRO A 131 -6.45 -9.75 -15.78
CA PRO A 131 -7.54 -10.34 -14.99
C PRO A 131 -7.55 -11.87 -14.98
N GLN A 132 -7.23 -12.51 -16.12
CA GLN A 132 -7.24 -13.96 -16.16
C GLN A 132 -6.09 -14.55 -15.36
N GLN A 133 -4.91 -13.93 -15.44
CA GLN A 133 -3.81 -14.38 -14.59
C GLN A 133 -4.12 -14.12 -13.12
N ARG A 134 -4.85 -13.05 -12.83
CA ARG A 134 -5.26 -12.76 -11.47
C ARG A 134 -6.18 -13.83 -10.92
N SER A 135 -7.11 -14.32 -11.75
CA SER A 135 -7.99 -15.41 -11.32
C SER A 135 -7.20 -16.67 -11.00
N MET A 136 -6.26 -17.04 -11.88
CA MET A 136 -5.52 -18.27 -11.68
C MET A 136 -4.67 -18.22 -10.41
N ALA A 137 -4.08 -17.06 -10.12
CA ALA A 137 -3.30 -16.93 -8.90
C ALA A 137 -4.20 -17.00 -7.68
N PHE A 138 -5.40 -16.42 -7.77
CA PHE A 138 -6.32 -16.47 -6.63
C PHE A 138 -6.77 -17.90 -6.33
N ILE A 139 -7.11 -18.67 -7.37
CA ILE A 139 -7.54 -20.06 -7.17
C ILE A 139 -6.41 -20.86 -6.54
N HIS A 140 -5.19 -20.68 -7.04
CA HIS A 140 -4.04 -21.37 -6.47
C HIS A 140 -3.81 -20.96 -5.02
N TYR A 141 -4.07 -19.69 -4.72
CA TYR A 141 -3.83 -19.18 -3.37
C TYR A 141 -4.81 -19.78 -2.37
N ILE A 142 -6.11 -19.73 -2.67
CA ILE A 142 -7.08 -20.27 -1.73
C ILE A 142 -6.97 -21.79 -1.65
N THR A 143 -6.48 -22.44 -2.71
CA THR A 143 -6.22 -23.87 -2.63
C THR A 143 -5.03 -24.15 -1.73
N GLU A 144 -3.97 -23.36 -1.85
CA GLU A 144 -2.80 -23.52 -0.99
C GLU A 144 -3.14 -23.23 0.46
N ARG A 145 -4.00 -22.23 0.71
CA ARG A 145 -4.44 -21.95 2.07
C ARG A 145 -5.23 -23.11 2.65
N SER A 146 -5.94 -23.87 1.81
CA SER A 146 -6.81 -24.94 2.28
C SER A 146 -6.08 -26.25 2.51
N LEU A 147 -4.98 -26.49 1.79
CA LEU A 147 -4.34 -27.80 1.75
C LEU A 147 -2.97 -27.82 2.38
N THR A 148 -2.43 -26.66 2.76
CA THR A 148 -1.06 -26.56 3.26
C THR A 148 -1.03 -25.64 4.46
N HIS A 149 0.09 -25.69 5.19
CA HIS A 149 0.37 -24.74 6.25
C HIS A 149 1.85 -24.82 6.58
N LYS A 150 2.45 -23.68 6.89
CA LYS A 150 3.83 -23.62 7.34
C LYS A 150 3.86 -23.13 8.79
N MET A 151 4.69 -23.76 9.60
CA MET A 151 4.83 -23.39 11.00
C MET A 151 5.35 -21.95 11.15
N GLY B 1 5.41 -7.35 2.01
CA GLY B 1 6.02 -6.09 1.60
C GLY B 1 5.27 -4.87 2.09
N PRO B 2 5.42 -4.54 3.38
CA PRO B 2 4.85 -3.29 3.88
C PRO B 2 5.63 -2.07 3.40
N MET B 3 5.21 -0.88 3.80
CA MET B 3 5.81 0.35 3.31
C MET B 3 7.00 0.75 4.17
N GLU B 4 8.02 1.30 3.53
CA GLU B 4 9.10 2.00 4.20
C GLU B 4 9.27 3.36 3.55
N TRP B 5 9.95 4.25 4.27
CA TRP B 5 10.32 5.56 3.75
C TRP B 5 11.78 5.53 3.31
N TYR B 6 12.06 6.17 2.18
CA TYR B 6 13.39 6.22 1.61
C TYR B 6 13.72 7.66 1.26
N VAL B 7 15.00 7.91 1.00
CA VAL B 7 15.50 9.25 0.72
C VAL B 7 15.98 9.29 -0.72
N LEU B 8 15.35 10.13 -1.52
CA LEU B 8 15.66 10.25 -2.94
C LEU B 8 16.43 11.55 -3.17
N GLN B 9 17.54 11.45 -3.89
CA GLN B 9 18.34 12.62 -4.21
C GLN B 9 17.94 13.16 -5.58
N PHE B 10 17.80 14.48 -5.68
CA PHE B 10 17.37 15.11 -6.91
C PHE B 10 18.02 16.49 -7.01
N THR B 11 18.01 17.05 -8.21
CA THR B 11 18.57 18.37 -8.45
C THR B 11 17.67 19.44 -7.85
N THR B 12 18.22 20.20 -6.90
CA THR B 12 17.41 21.09 -6.06
C THR B 12 16.58 22.07 -6.89
N THR B 13 17.21 22.68 -7.90
CA THR B 13 16.52 23.72 -8.67
C THR B 13 15.38 23.18 -9.52
N ARG B 14 15.33 21.87 -9.75
CA ARG B 14 14.31 21.26 -10.59
C ARG B 14 13.24 20.56 -9.76
N PHE B 15 13.06 20.97 -8.50
CA PHE B 15 12.14 20.25 -7.61
C PHE B 15 10.74 20.16 -8.18
N ALA B 16 10.28 21.23 -8.86
CA ALA B 16 8.88 21.29 -9.26
C ALA B 16 8.55 20.20 -10.27
N ALA B 17 9.39 20.02 -11.28
CA ALA B 17 9.17 18.97 -12.27
C ALA B 17 9.39 17.59 -11.66
N VAL B 18 10.37 17.46 -10.76
CA VAL B 18 10.64 16.17 -10.14
C VAL B 18 9.43 15.75 -9.31
N PHE B 19 8.94 16.64 -8.44
CA PHE B 19 7.80 16.31 -7.58
C PHE B 19 6.56 16.05 -8.40
N ALA B 20 6.35 16.80 -9.48
CA ALA B 20 5.19 16.59 -10.33
C ALA B 20 5.24 15.20 -10.97
N HIS B 21 6.43 14.78 -11.40
CA HIS B 21 6.57 13.46 -12.02
C HIS B 21 6.35 12.34 -11.01
N LEU B 22 6.89 12.50 -9.80
CA LEU B 22 6.63 11.50 -8.75
C LEU B 22 5.16 11.47 -8.37
N GLU B 23 4.48 12.62 -8.45
CA GLU B 23 3.05 12.66 -8.16
C GLU B 23 2.24 11.91 -9.22
N ARG B 24 2.64 12.03 -10.49
CA ARG B 24 1.97 11.26 -11.55
C ARG B 24 2.16 9.76 -11.34
N LEU B 25 3.31 9.36 -10.80
CA LEU B 25 3.54 7.96 -10.47
C LEU B 25 2.84 7.55 -9.18
N ASN B 26 2.15 8.49 -8.52
CA ASN B 26 1.26 8.22 -7.40
C ASN B 26 2.00 7.81 -6.13
N PHE B 27 3.24 8.28 -5.96
CA PHE B 27 3.97 8.04 -4.73
C PHE B 27 3.51 9.00 -3.63
N SER B 28 3.48 8.49 -2.41
CA SER B 28 3.40 9.36 -1.24
C SER B 28 4.80 9.91 -0.95
N TYR B 29 4.89 11.22 -0.77
CA TYR B 29 6.18 11.83 -0.51
C TYR B 29 5.98 13.18 0.17
N PHE B 30 7.05 13.67 0.79
CA PHE B 30 7.06 15.03 1.32
C PHE B 30 8.49 15.53 1.36
N CYS B 31 8.66 16.80 1.01
CA CYS B 31 9.94 17.48 1.11
C CYS B 31 9.86 18.46 2.27
N PRO B 32 10.44 18.13 3.43
CA PRO B 32 10.23 18.98 4.61
C PRO B 32 10.96 20.31 4.48
N MET B 33 10.39 21.33 5.11
CA MET B 33 10.94 22.68 5.15
C MET B 33 11.61 22.94 6.49
N GLU B 34 12.46 23.97 6.51
CA GLU B 34 12.98 24.47 7.77
C GLU B 34 11.88 25.17 8.55
N THR B 35 12.04 25.20 9.87
CA THR B 35 11.14 25.94 10.75
C THR B 35 11.95 26.96 11.54
N GLU B 36 11.26 27.93 12.12
CA GLU B 36 11.91 29.09 12.72
C GLU B 36 11.08 29.63 13.87
N ARG B 37 11.76 30.03 14.95
CA ARG B 37 11.15 30.80 16.02
C ARG B 37 11.35 32.28 15.73
N TYR B 38 10.26 33.05 15.76
CA TYR B 38 10.32 34.47 15.44
C TYR B 38 9.38 35.23 16.36
N ARG B 39 9.45 36.56 16.28
CA ARG B 39 8.60 37.46 17.04
C ARG B 39 7.67 38.18 16.07
N ARG B 40 6.37 37.91 16.20
CA ARG B 40 5.40 38.53 15.31
C ARG B 40 5.37 40.03 15.54
N PRO B 41 4.88 40.80 14.56
CA PRO B 41 4.80 42.26 14.74
C PRO B 41 3.92 42.70 15.91
N ASP B 42 3.21 41.78 16.56
CA ASP B 42 2.49 42.09 17.78
C ASP B 42 3.30 41.80 19.04
N LYS B 43 4.61 41.55 18.89
CA LYS B 43 5.54 41.26 19.98
C LYS B 43 5.25 39.95 20.69
N ILE B 44 4.51 39.04 20.04
CA ILE B 44 4.25 37.71 20.59
C ILE B 44 5.12 36.71 19.85
N ILE B 45 5.84 35.87 20.60
CA ILE B 45 6.68 34.85 20.00
C ILE B 45 5.82 33.77 19.35
N SER B 46 6.19 33.37 18.14
CA SER B 46 5.49 32.31 17.42
C SER B 46 6.52 31.51 16.62
N TYR B 47 6.04 30.49 15.92
CA TYR B 47 6.88 29.64 15.10
C TYR B 47 6.30 29.57 13.70
N ARG B 48 7.17 29.45 12.70
CA ARG B 48 6.75 29.53 11.31
C ARG B 48 7.73 28.76 10.44
N GLU B 49 7.30 28.49 9.21
CA GLU B 49 8.17 27.87 8.23
C GLU B 49 9.24 28.85 7.77
N ARG B 50 10.37 28.30 7.36
CA ARG B 50 11.32 28.98 6.48
C ARG B 50 11.20 28.32 5.11
N ARG B 51 11.07 29.13 4.07
CA ARG B 51 10.77 28.59 2.75
C ARG B 51 12.03 28.04 2.10
N LEU B 52 12.75 27.20 2.85
CA LEU B 52 13.98 26.54 2.47
C LEU B 52 13.89 25.08 2.85
N PRO B 53 14.58 24.19 2.10
CA PRO B 53 14.50 22.77 2.42
C PRO B 53 15.26 22.42 3.68
N LEU B 54 14.69 21.51 4.47
CA LEU B 54 15.39 21.02 5.65
C LEU B 54 16.63 20.23 5.25
N PHE B 55 16.54 19.42 4.20
CA PHE B 55 17.67 18.69 3.64
C PHE B 55 17.73 18.97 2.15
N PRO B 56 18.47 20.00 1.73
CA PRO B 56 18.44 20.42 0.32
C PRO B 56 18.83 19.28 -0.63
N GLY B 57 18.00 19.09 -1.66
CA GLY B 57 18.25 18.07 -2.65
C GLY B 57 17.83 16.68 -2.28
N TYR B 58 17.08 16.52 -1.18
CA TYR B 58 16.63 15.20 -0.73
C TYR B 58 15.14 15.21 -0.46
N LEU B 59 14.51 14.07 -0.71
CA LEU B 59 13.06 13.93 -0.68
C LEU B 59 12.71 12.63 0.02
N PHE B 60 11.69 12.67 0.90
CA PHE B 60 11.24 11.47 1.59
C PHE B 60 10.07 10.87 0.82
N ILE B 61 10.22 9.59 0.46
CA ILE B 61 9.24 8.93 -0.41
C ILE B 61 8.94 7.54 0.16
N GLN B 62 7.67 7.18 0.15
CA GLN B 62 7.20 5.92 0.72
C GLN B 62 7.00 4.90 -0.39
N ALA B 63 7.56 3.70 -0.21
CA ALA B 63 7.48 2.65 -1.22
C ALA B 63 7.56 1.29 -0.55
N ASP B 64 7.02 0.27 -1.23
CA ASP B 64 7.25 -1.08 -0.77
C ASP B 64 8.50 -1.65 -1.44
N PHE B 65 8.87 -2.87 -1.04
CA PHE B 65 10.16 -3.43 -1.47
C PHE B 65 10.20 -3.67 -2.97
N GLU B 66 9.08 -4.06 -3.57
CA GLU B 66 9.06 -4.24 -5.02
C GLU B 66 9.21 -2.91 -5.73
N GLU B 67 8.51 -1.88 -5.25
CA GLU B 67 8.47 -0.58 -5.93
C GLU B 67 9.83 0.11 -5.92
N VAL B 68 10.51 0.08 -4.78
CA VAL B 68 11.64 0.98 -4.57
C VAL B 68 12.80 0.67 -5.50
N HIS B 69 12.85 -0.53 -6.07
CA HIS B 69 13.91 -0.89 -7.00
C HIS B 69 13.58 -0.53 -8.44
N SER B 70 12.44 0.08 -8.70
CA SER B 70 12.04 0.39 -10.08
C SER B 70 12.97 1.42 -10.69
N THR B 71 13.56 1.08 -11.83
CA THR B 71 14.39 2.03 -12.57
C THR B 71 13.58 3.20 -13.13
N THR B 72 12.25 3.11 -13.12
CA THR B 72 11.44 4.24 -13.55
C THR B 72 11.62 5.44 -12.63
N ILE B 73 11.83 5.20 -11.33
CA ILE B 73 12.03 6.30 -10.40
C ILE B 73 13.31 7.06 -10.72
N THR B 74 14.42 6.35 -10.88
CA THR B 74 15.70 7.01 -11.13
C THR B 74 15.86 7.50 -12.55
N ALA B 75 15.00 7.06 -13.47
CA ALA B 75 15.02 7.59 -14.83
C ALA B 75 14.32 8.93 -14.96
N ILE B 76 13.63 9.38 -13.90
CA ILE B 76 13.01 10.72 -13.93
C ILE B 76 14.10 11.76 -14.14
N PRO B 77 13.91 12.72 -15.05
CA PRO B 77 14.93 13.77 -15.24
C PRO B 77 15.21 14.50 -13.93
N TYR B 78 16.50 14.71 -13.67
CA TYR B 78 17.03 15.41 -12.50
C TYR B 78 16.85 14.64 -11.20
N VAL B 79 16.55 13.35 -11.27
CA VAL B 79 16.59 12.47 -10.10
C VAL B 79 17.89 11.67 -10.19
N GLN B 80 18.62 11.60 -9.07
CA GLN B 80 19.87 10.87 -9.08
C GLN B 80 19.68 9.44 -8.60
N ARG B 81 19.58 9.26 -7.28
CA ARG B 81 19.59 7.91 -6.71
C ARG B 81 18.90 7.96 -5.35
N PHE B 82 18.52 6.77 -4.87
CA PHE B 82 18.15 6.62 -3.48
C PHE B 82 19.42 6.55 -2.63
N ILE B 83 19.35 7.12 -1.43
CA ILE B 83 20.37 6.83 -0.43
C ILE B 83 20.40 5.32 -0.25
N SER B 84 21.57 4.72 -0.40
CA SER B 84 21.67 3.27 -0.51
C SER B 84 22.89 2.75 0.23
N PHE B 85 22.90 1.43 0.39
CA PHE B 85 24.06 0.69 0.90
C PHE B 85 24.26 -0.52 0.01
N GLY B 86 25.41 -0.60 -0.64
CA GLY B 86 25.62 -1.66 -1.62
C GLY B 86 24.65 -1.60 -2.78
N GLY B 87 24.29 -0.39 -3.20
CA GLY B 87 23.33 -0.22 -4.27
C GLY B 87 21.90 -0.54 -3.92
N GLU B 88 21.61 -0.90 -2.65
CA GLU B 88 20.28 -1.24 -2.16
C GLU B 88 19.70 -0.08 -1.36
N PRO B 89 18.50 0.40 -1.70
CA PRO B 89 17.96 1.59 -1.02
C PRO B 89 17.84 1.39 0.48
N LEU B 90 18.19 2.45 1.23
CA LEU B 90 18.27 2.38 2.67
C LEU B 90 17.04 3.00 3.30
N PRO B 91 16.23 2.24 4.03
CA PRO B 91 15.04 2.83 4.66
C PRO B 91 15.40 3.67 5.88
N VAL B 92 14.54 4.64 6.16
CA VAL B 92 14.72 5.58 7.26
C VAL B 92 14.18 4.94 8.53
N PRO B 93 14.82 5.12 9.69
CA PRO B 93 14.29 4.53 10.92
C PRO B 93 12.89 5.03 11.24
N GLU B 94 12.12 4.20 11.93
CA GLU B 94 10.71 4.51 12.16
C GLU B 94 10.54 5.68 13.11
N ASP B 95 11.38 5.78 14.14
CA ASP B 95 11.24 6.91 15.07
C ASP B 95 11.64 8.22 14.42
N VAL B 96 12.61 8.18 13.50
CA VAL B 96 12.97 9.37 12.72
C VAL B 96 11.78 9.82 11.88
N MET B 97 11.16 8.88 11.17
CA MET B 97 10.01 9.24 10.34
C MET B 97 8.83 9.73 11.19
N ALA B 98 8.63 9.12 12.36
CA ALA B 98 7.56 9.58 13.25
C ALA B 98 7.75 11.05 13.61
N GLU B 99 8.98 11.46 13.88
CA GLU B 99 9.25 12.86 14.22
C GLU B 99 9.05 13.77 13.03
N LEU B 100 9.54 13.37 11.84
CA LEU B 100 9.40 14.21 10.67
C LEU B 100 7.94 14.34 10.25
N LEU B 101 7.18 13.24 10.36
CA LEU B 101 5.75 13.31 10.03
C LEU B 101 4.98 14.18 11.02
N TYR B 102 5.40 14.17 12.29
CA TYR B 102 4.79 15.07 13.27
C TYR B 102 5.11 16.52 12.95
N ARG B 103 6.37 16.80 12.55
CA ARG B 103 6.74 18.17 12.19
C ARG B 103 6.00 18.65 10.95
N GLN B 104 5.62 17.72 10.06
CA GLN B 104 4.82 18.12 8.90
C GLN B 104 3.50 18.74 9.31
N SER B 105 2.90 18.23 10.38
CA SER B 105 1.58 18.66 10.83
C SER B 105 1.62 19.71 11.93
N HIS B 106 2.80 20.18 12.32
CA HIS B 106 2.94 21.12 13.43
C HIS B 106 4.03 22.14 13.13
N THR B 107 3.87 22.85 12.01
CA THR B 107 4.85 23.85 11.61
C THR B 107 4.82 25.07 12.53
N THR B 108 3.63 25.45 12.99
CA THR B 108 3.46 26.61 13.84
C THR B 108 3.57 26.29 15.33
N ALA B 109 3.77 25.03 15.69
CA ALA B 109 3.70 24.59 17.08
C ALA B 109 5.05 24.76 17.77
N GLN B 110 4.98 25.10 19.06
CA GLN B 110 6.18 25.12 19.90
C GLN B 110 6.57 23.70 20.26
N ALA B 111 7.88 23.49 20.43
CA ALA B 111 8.40 22.19 20.83
C ALA B 111 7.75 21.73 22.13
N ASN B 112 6.94 20.68 22.06
CA ASN B 112 6.24 20.15 23.22
C ASN B 112 7.19 19.31 24.06
N LEU B 113 7.33 19.68 25.34
CA LEU B 113 8.20 18.95 26.27
C LEU B 113 7.58 17.66 26.78
N LEU B 114 6.30 17.43 26.53
CA LEU B 114 5.63 16.25 27.03
C LEU B 114 5.59 15.11 26.01
N ARG B 115 5.96 15.36 24.76
CA ARG B 115 6.11 14.29 23.80
C ARG B 115 7.39 13.50 24.06
N LYS B 116 7.39 12.25 23.63
CA LYS B 116 8.57 11.39 23.79
C LYS B 116 9.81 12.08 23.22
N SER B 117 10.88 12.06 24.01
CA SER B 117 12.09 12.77 23.62
C SER B 117 12.74 12.11 22.41
N ILE B 118 13.16 12.95 21.46
CA ILE B 118 13.87 12.52 20.26
C ILE B 118 15.21 11.94 20.68
N PRO B 119 15.74 10.93 20.00
CA PRO B 119 17.15 10.56 20.20
C PRO B 119 18.05 11.78 20.10
N HIS B 120 18.97 11.91 21.06
CA HIS B 120 19.81 13.09 21.15
C HIS B 120 20.56 13.35 19.85
N ASP B 121 21.11 12.29 19.23
CA ASP B 121 21.88 12.47 18.01
C ASP B 121 21.01 13.05 16.89
N PHE B 122 19.77 12.57 16.76
CA PHE B 122 18.89 13.09 15.72
C PHE B 122 18.46 14.52 16.02
N ALA B 123 18.12 14.81 17.28
CA ALA B 123 17.72 16.16 17.65
C ALA B 123 18.85 17.16 17.39
N GLU B 124 20.10 16.75 17.58
CA GLU B 124 21.22 17.63 17.31
C GLU B 124 21.36 17.92 15.82
N ILE B 125 21.06 16.93 14.97
CA ILE B 125 21.12 17.14 13.53
C ILE B 125 20.07 18.15 13.08
N LEU B 126 18.85 18.03 13.60
CA LEU B 126 17.79 18.96 13.24
C LEU B 126 18.09 20.39 13.66
N LEU B 127 19.01 20.59 14.60
CA LEU B 127 19.39 21.92 15.04
C LEU B 127 20.58 22.49 14.28
N MET B 128 21.20 21.72 13.39
CA MET B 128 22.39 22.19 12.70
C MET B 128 22.06 23.37 11.81
N ASP B 129 22.98 24.34 11.77
CA ASP B 129 22.71 25.61 11.12
C ASP B 129 23.01 25.58 9.62
N ASN B 130 23.97 24.76 9.20
CA ASN B 130 24.34 24.69 7.80
C ASN B 130 23.52 23.61 7.10
N PRO B 131 22.74 23.96 6.06
CA PRO B 131 21.88 22.94 5.43
C PRO B 131 22.65 21.79 4.80
N GLN B 132 23.81 22.06 4.20
CA GLN B 132 24.59 21.00 3.58
C GLN B 132 25.13 20.03 4.64
N GLN B 133 25.77 20.56 5.68
CA GLN B 133 26.25 19.71 6.77
C GLN B 133 25.10 18.96 7.43
N ARG B 134 23.93 19.60 7.52
CA ARG B 134 22.78 18.95 8.11
C ARG B 134 22.36 17.73 7.31
N SER B 135 22.35 17.85 5.97
CA SER B 135 21.98 16.72 5.13
C SER B 135 22.99 15.59 5.23
N MET B 136 24.29 15.92 5.20
CA MET B 136 25.31 14.88 5.29
C MET B 136 25.27 14.18 6.64
N ALA B 137 25.09 14.93 7.73
CA ALA B 137 24.98 14.32 9.04
C ALA B 137 23.76 13.40 9.12
N PHE B 138 22.63 13.83 8.56
CA PHE B 138 21.43 13.00 8.56
C PHE B 138 21.65 11.70 7.79
N ILE B 139 22.34 11.78 6.65
CA ILE B 139 22.59 10.58 5.85
C ILE B 139 23.47 9.60 6.62
N HIS B 140 24.53 10.09 7.25
N HIS B 140 24.53 10.09 7.25
CA HIS B 140 25.39 9.21 8.04
CA HIS B 140 25.39 9.22 8.05
C HIS B 140 24.63 8.62 9.22
C HIS B 140 24.62 8.62 9.22
N TYR B 141 23.74 9.40 9.82
CA TYR B 141 22.99 8.93 10.99
C TYR B 141 22.06 7.77 10.64
N ILE B 142 21.24 7.93 9.59
CA ILE B 142 20.31 6.86 9.26
C ILE B 142 21.06 5.64 8.72
N THR B 143 22.24 5.85 8.13
CA THR B 143 23.07 4.71 7.74
C THR B 143 23.56 3.97 8.97
N GLU B 144 24.07 4.70 9.96
CA GLU B 144 24.56 4.11 11.20
C GLU B 144 23.44 3.44 11.99
N ARG B 145 22.23 4.00 11.95
CA ARG B 145 21.11 3.38 12.64
C ARG B 145 20.80 2.01 12.09
N SER B 146 21.00 1.79 10.79
CA SER B 146 20.71 0.50 10.19
C SER B 146 21.87 -0.47 10.34
N LEU B 147 23.07 -0.08 9.90
CA LEU B 147 24.20 -0.99 9.80
C LEU B 147 24.82 -1.35 11.15
N THR B 148 24.44 -0.67 12.24
CA THR B 148 25.00 -0.96 13.55
C THR B 148 23.89 -1.00 14.59
N HIS B 149 24.26 -1.46 15.78
CA HIS B 149 23.41 -1.36 16.96
C HIS B 149 24.27 -1.58 18.19
N LYS B 150 24.10 -0.73 19.20
CA LYS B 150 24.78 -0.86 20.49
C LYS B 150 26.29 -0.91 20.33
N MET B 151 26.81 0.01 19.52
CA MET B 151 28.25 0.06 19.27
C MET B 151 28.94 1.13 20.11
C1 GOL C . -23.74 -7.46 0.19
O1 GOL C . -24.86 -7.68 0.99
C2 GOL C . -22.88 -8.75 0.28
O2 GOL C . -23.52 -9.83 -0.32
C3 GOL C . -21.51 -8.39 -0.37
O3 GOL C . -21.78 -7.66 -1.53
MG MG D . 20.62 -1.31 13.21
#